data_1AOL
#
_entry.id   1AOL
#
_cell.length_a   55.300
_cell.length_b   68.400
_cell.length_c   80.400
_cell.angle_alpha   90.00
_cell.angle_beta   90.00
_cell.angle_gamma   90.00
#
_symmetry.space_group_name_H-M   'P 21 21 21'
#
loop_
_entity.id
_entity.type
_entity.pdbx_description
1 polymer GP70
2 non-polymer 2-acetamido-2-deoxy-beta-D-glucopyranose
3 non-polymer 'ZINC ION'
4 water water
#
_entity_poly.entity_id   1
_entity_poly.type   'polypeptide(L)'
_entity_poly.pdbx_seq_one_letter_code
;QVYNITWEVTNGDRETVWAISGNHPLWTWWPVLTPDLCMLALSGPPHWGLEYQAPYSSPPGPPCCSGSSGSSAGCSRDCD
EPLTSLTPRCNTAWNRLKLDQVTHKSSEGFYVCPGSHRPREAKSCGGPDSFYCASWGCETTGRVYWKPSSSWDYITVDNN
LTTSQAVQVCKDNKWCNPLAIQFTNAGKQVTSWTTGHYWGLRLYVSGRDPGLTFGIRLRYQNLGPRVP
;
_entity_poly.pdbx_strand_id   A
#
loop_
_chem_comp.id
_chem_comp.type
_chem_comp.name
_chem_comp.formula
NAG D-saccharide, beta linking 2-acetamido-2-deoxy-beta-D-glucopyranose 'C8 H15 N O6'
ZN non-polymer 'ZINC ION' 'Zn 2'
#
# COMPACT_ATOMS: atom_id res chain seq x y z
N GLN A 1 -21.42 16.01 -16.51
CA GLN A 1 -22.27 15.39 -15.51
C GLN A 1 -21.38 14.96 -14.34
N VAL A 2 -21.67 15.38 -13.11
CA VAL A 2 -20.89 15.04 -11.94
C VAL A 2 -21.37 13.72 -11.34
N TYR A 3 -20.43 12.87 -10.92
CA TYR A 3 -20.74 11.60 -10.29
C TYR A 3 -20.07 11.54 -8.94
N ASN A 4 -20.60 10.70 -8.06
CA ASN A 4 -19.90 10.36 -6.84
C ASN A 4 -18.87 9.29 -7.26
N ILE A 5 -17.63 9.70 -7.47
CA ILE A 5 -16.49 8.85 -7.85
C ILE A 5 -15.87 8.22 -6.60
N THR A 6 -15.77 6.89 -6.48
CA THR A 6 -14.98 6.27 -5.41
C THR A 6 -13.82 5.52 -6.06
N TRP A 7 -12.63 5.81 -5.60
CA TRP A 7 -11.43 5.08 -5.97
C TRP A 7 -11.18 4.09 -4.84
N GLU A 8 -11.17 2.80 -5.11
CA GLU A 8 -10.93 1.78 -4.10
C GLU A 8 -9.59 1.10 -4.30
N VAL A 9 -8.94 0.78 -3.18
CA VAL A 9 -7.70 0.01 -3.20
C VAL A 9 -8.04 -1.27 -2.46
N THR A 10 -7.60 -2.40 -3.01
CA THR A 10 -8.00 -3.68 -2.47
C THR A 10 -6.76 -4.40 -1.99
N ASN A 11 -6.95 -5.38 -1.13
CA ASN A 11 -5.90 -6.33 -0.81
C ASN A 11 -5.86 -7.40 -1.94
N GLY A 12 -5.10 -8.50 -1.82
CA GLY A 12 -4.99 -9.53 -2.85
C GLY A 12 -6.24 -10.40 -2.98
N ASP A 13 -7.13 -10.33 -2.00
CA ASP A 13 -8.37 -11.08 -2.10
C ASP A 13 -9.41 -10.29 -2.87
N ARG A 14 -9.00 -9.13 -3.39
CA ARG A 14 -9.79 -8.20 -4.21
C ARG A 14 -10.91 -7.52 -3.39
N GLU A 15 -10.74 -7.46 -2.07
CA GLU A 15 -11.70 -6.77 -1.23
C GLU A 15 -11.20 -5.36 -0.94
N THR A 16 -12.07 -4.35 -0.97
CA THR A 16 -11.67 -2.99 -0.68
C THR A 16 -11.21 -2.92 0.76
N VAL A 17 -10.07 -2.29 0.86
CA VAL A 17 -9.39 -2.13 2.12
C VAL A 17 -9.27 -0.62 2.37
N TRP A 18 -9.42 0.25 1.36
CA TRP A 18 -9.31 1.70 1.53
C TRP A 18 -10.05 2.29 0.35
N ALA A 19 -10.62 3.48 0.51
CA ALA A 19 -11.33 4.12 -0.57
C ALA A 19 -11.32 5.61 -0.28
N ILE A 20 -11.53 6.38 -1.34
CA ILE A 20 -11.70 7.83 -1.28
C ILE A 20 -12.81 8.18 -2.28
N SER A 21 -13.81 8.97 -1.88
CA SER A 21 -14.92 9.40 -2.77
C SER A 21 -14.98 10.92 -3.01
N GLY A 22 -15.40 11.38 -4.17
CA GLY A 22 -15.48 12.79 -4.45
C GLY A 22 -16.39 12.96 -5.66
N ASN A 23 -17.04 14.11 -5.73
CA ASN A 23 -18.03 14.46 -6.73
C ASN A 23 -17.31 15.17 -7.85
N HIS A 24 -17.17 14.46 -8.97
CA HIS A 24 -16.37 14.93 -10.08
C HIS A 24 -16.95 14.37 -11.35
N PRO A 25 -16.77 14.97 -12.52
CA PRO A 25 -17.05 14.31 -13.80
C PRO A 25 -16.21 13.05 -14.02
N LEU A 26 -16.71 12.03 -14.69
CA LEU A 26 -15.92 10.84 -14.95
C LEU A 26 -14.60 11.11 -15.69
N TRP A 27 -13.56 10.35 -15.32
CA TRP A 27 -12.22 10.39 -15.89
C TRP A 27 -11.54 11.74 -15.78
N THR A 28 -11.87 12.51 -14.73
CA THR A 28 -11.21 13.78 -14.48
C THR A 28 -10.52 13.82 -13.11
N TRP A 29 -10.85 12.90 -12.23
CA TRP A 29 -10.35 12.98 -10.88
C TRP A 29 -9.34 11.89 -10.64
N TRP A 30 -8.11 12.31 -10.39
CA TRP A 30 -7.03 11.33 -10.25
C TRP A 30 -6.25 11.64 -9.00
N PRO A 31 -6.86 11.50 -7.80
CA PRO A 31 -6.20 11.87 -6.56
C PRO A 31 -5.05 10.91 -6.22
N VAL A 32 -4.07 11.41 -5.49
CA VAL A 32 -3.07 10.52 -4.93
C VAL A 32 -3.83 9.61 -3.95
N LEU A 33 -3.70 8.31 -4.12
CA LEU A 33 -4.37 7.40 -3.23
C LEU A 33 -3.37 7.15 -2.11
N THR A 34 -3.83 7.17 -0.86
CA THR A 34 -2.93 6.94 0.24
C THR A 34 -3.35 5.75 1.09
N PRO A 35 -3.51 4.50 0.58
CA PRO A 35 -3.75 3.33 1.41
C PRO A 35 -2.54 3.01 2.29
N ASP A 36 -2.71 2.43 3.48
CA ASP A 36 -1.59 1.95 4.23
C ASP A 36 -1.15 0.62 3.64
N LEU A 37 0.16 0.42 3.62
CA LEU A 37 0.81 -0.80 3.16
C LEU A 37 0.26 -1.90 3.99
N CYS A 38 0.04 -1.71 5.30
CA CYS A 38 -0.48 -2.84 6.10
C CYS A 38 -1.94 -3.12 5.81
N MET A 39 -2.71 -2.14 5.34
CA MET A 39 -4.06 -2.44 4.98
C MET A 39 -4.04 -3.36 3.76
N LEU A 40 -3.12 -3.18 2.80
CA LEU A 40 -3.01 -4.07 1.63
C LEU A 40 -2.77 -5.51 2.06
N ALA A 41 -2.13 -5.62 3.23
CA ALA A 41 -1.75 -6.90 3.83
C ALA A 41 -2.84 -7.58 4.63
N LEU A 42 -3.93 -6.87 4.93
CA LEU A 42 -5.04 -7.44 5.66
C LEU A 42 -5.54 -8.65 4.89
N SER A 43 -5.51 -9.74 5.65
CA SER A 43 -5.91 -11.03 5.20
C SER A 43 -4.98 -11.47 4.09
N GLY A 44 -3.74 -11.00 4.04
CA GLY A 44 -2.84 -11.32 2.97
C GLY A 44 -1.79 -12.33 3.39
N PRO A 45 -0.60 -12.23 2.78
CA PRO A 45 0.50 -13.12 3.04
C PRO A 45 0.85 -13.16 4.53
N PRO A 46 1.23 -14.33 5.06
CA PRO A 46 1.56 -14.47 6.47
C PRO A 46 2.66 -13.57 7.01
N HIS A 47 3.61 -13.12 6.15
CA HIS A 47 4.72 -12.31 6.58
C HIS A 47 4.28 -11.08 7.37
N TRP A 48 3.23 -10.44 6.85
CA TRP A 48 2.79 -9.17 7.38
C TRP A 48 2.12 -9.33 8.73
N GLY A 49 1.57 -10.50 9.02
CA GLY A 49 1.04 -10.80 10.32
C GLY A 49 -0.41 -10.40 10.43
N LEU A 50 -1.14 -10.09 9.35
CA LEU A 50 -2.53 -9.65 9.44
C LEU A 50 -3.46 -10.61 8.68
N GLU A 51 -3.16 -11.91 8.70
CA GLU A 51 -3.92 -12.86 7.88
C GLU A 51 -5.39 -13.06 8.23
N TYR A 52 -5.56 -12.98 9.57
CA TYR A 52 -6.84 -13.18 10.22
C TYR A 52 -7.66 -11.92 10.32
N GLN A 53 -7.10 -10.76 10.00
CA GLN A 53 -7.83 -9.52 10.10
C GLN A 53 -8.53 -9.25 8.78
N ALA A 54 -9.73 -8.68 8.96
CA ALA A 54 -10.62 -8.33 7.88
C ALA A 54 -10.30 -6.95 7.31
N PRO A 55 -10.70 -6.58 6.07
CA PRO A 55 -10.69 -5.20 5.56
C PRO A 55 -11.22 -4.23 6.62
N TYR A 56 -10.67 -3.02 6.74
CA TYR A 56 -11.14 -2.00 7.69
C TYR A 56 -10.97 -2.29 9.18
N SER A 57 -10.22 -3.30 9.64
CA SER A 57 -9.98 -3.50 11.07
C SER A 57 -8.84 -2.60 11.58
N SER A 58 -8.66 -2.63 12.89
CA SER A 58 -7.70 -1.82 13.61
C SER A 58 -6.30 -2.35 13.60
N PRO A 59 -5.27 -1.50 13.72
CA PRO A 59 -3.91 -1.96 13.90
C PRO A 59 -3.80 -2.90 15.09
N PRO A 60 -3.21 -4.08 14.99
CA PRO A 60 -2.94 -4.93 16.15
C PRO A 60 -1.77 -4.44 17.02
N GLY A 61 -1.51 -5.08 18.16
CA GLY A 61 -0.40 -4.73 19.03
C GLY A 61 -0.81 -3.93 20.26
N PRO A 62 -0.08 -3.96 21.39
CA PRO A 62 -0.36 -3.15 22.57
C PRO A 62 0.00 -1.68 22.35
N PRO A 63 -0.68 -0.73 23.00
CA PRO A 63 -0.34 0.69 22.96
C PRO A 63 1.08 0.92 23.49
N CYS A 64 1.79 1.88 22.94
CA CYS A 64 3.12 2.29 23.34
C CYS A 64 3.01 3.18 24.55
N CYS A 65 4.01 3.13 25.42
CA CYS A 65 4.10 4.03 26.55
C CYS A 65 4.35 5.45 26.03
N SER A 66 4.92 5.59 24.83
CA SER A 66 5.16 6.88 24.21
C SER A 66 3.98 7.42 23.39
N GLY A 67 2.78 6.85 23.50
CA GLY A 67 1.65 7.36 22.74
C GLY A 67 1.36 8.83 23.05
N SER A 68 0.99 9.63 22.05
CA SER A 68 0.63 11.04 22.19
C SER A 68 -0.39 11.38 23.28
N SER A 69 -1.42 10.58 23.48
CA SER A 69 -2.45 10.93 24.45
C SER A 69 -2.09 10.47 25.85
N GLY A 70 -0.86 9.97 26.01
CA GLY A 70 -0.41 9.51 27.31
C GLY A 70 -0.24 8.02 27.30
N SER A 71 0.31 7.58 28.44
CA SER A 71 0.64 6.19 28.69
C SER A 71 -0.47 5.53 29.48
N SER A 72 -1.00 4.45 28.94
CA SER A 72 -2.01 3.60 29.55
C SER A 72 -1.44 2.34 30.18
N ALA A 73 -2.14 1.76 31.17
CA ALA A 73 -1.74 0.52 31.78
C ALA A 73 -1.66 -0.58 30.69
N GLY A 74 -0.59 -1.38 30.68
CA GLY A 74 -0.42 -2.38 29.64
C GLY A 74 0.38 -1.87 28.44
N CYS A 75 0.88 -0.64 28.55
CA CYS A 75 1.68 -0.05 27.48
C CYS A 75 3.04 -0.72 27.39
N SER A 76 3.50 -0.79 26.16
CA SER A 76 4.75 -1.40 25.82
C SER A 76 5.79 -0.33 25.63
N ARG A 77 6.88 -0.69 26.28
CA ARG A 77 8.15 -0.02 26.18
C ARG A 77 8.84 -0.17 24.80
N ASP A 78 8.43 -1.26 24.15
CA ASP A 78 9.04 -1.66 22.89
C ASP A 78 8.90 -0.76 21.73
N CYS A 79 7.85 0.06 21.70
CA CYS A 79 7.77 1.03 20.62
C CYS A 79 9.01 1.93 20.58
N ASP A 80 9.70 2.04 21.71
CA ASP A 80 10.86 2.90 21.87
C ASP A 80 12.15 2.12 21.90
N GLU A 81 12.14 0.81 21.84
CA GLU A 81 13.38 0.08 21.89
C GLU A 81 14.00 0.04 20.50
N PRO A 82 15.27 -0.37 20.35
CA PRO A 82 15.91 -0.57 19.05
C PRO A 82 15.12 -1.53 18.16
N LEU A 83 15.04 -1.13 16.88
CA LEU A 83 14.30 -1.83 15.82
C LEU A 83 15.20 -2.84 15.12
N THR A 84 16.48 -2.91 15.53
CA THR A 84 17.53 -3.70 14.90
C THR A 84 17.23 -5.12 14.45
N SER A 85 16.64 -5.85 15.38
CA SER A 85 16.37 -7.27 15.25
C SER A 85 14.98 -7.61 14.71
N LEU A 86 14.09 -6.61 14.60
CA LEU A 86 12.71 -6.83 14.22
C LEU A 86 12.51 -7.14 12.74
N THR A 87 11.45 -7.88 12.48
CA THR A 87 11.03 -8.16 11.13
C THR A 87 10.15 -7.00 10.66
N PRO A 88 10.29 -6.46 9.44
CA PRO A 88 9.40 -5.44 8.91
C PRO A 88 8.00 -6.02 8.63
N ARG A 89 7.02 -5.77 9.48
CA ARG A 89 5.68 -6.29 9.27
C ARG A 89 4.67 -5.46 10.05
N CYS A 90 3.45 -5.93 10.18
CA CYS A 90 2.35 -5.11 10.62
C CYS A 90 1.68 -5.44 11.94
N ASN A 91 2.17 -6.46 12.62
CA ASN A 91 1.55 -6.92 13.86
C ASN A 91 1.75 -6.11 15.13
N THR A 92 2.70 -5.17 15.26
CA THR A 92 2.80 -4.37 16.47
C THR A 92 3.27 -3.01 16.01
N ALA A 93 3.24 -2.01 16.90
CA ALA A 93 3.67 -0.66 16.59
C ALA A 93 5.15 -0.64 16.27
N TRP A 94 5.93 -1.46 16.97
CA TRP A 94 7.36 -1.46 16.72
C TRP A 94 7.71 -2.22 15.45
N ASN A 95 6.91 -3.20 15.03
CA ASN A 95 7.23 -3.90 13.77
C ASN A 95 6.91 -3.01 12.59
N ARG A 96 5.87 -2.19 12.74
CA ARG A 96 5.54 -1.19 11.76
C ARG A 96 6.55 -0.06 11.72
N LEU A 97 7.20 0.30 12.84
CA LEU A 97 8.29 1.29 12.81
C LEU A 97 9.45 0.71 12.01
N LYS A 98 9.65 -0.61 12.19
CA LYS A 98 10.69 -1.32 11.47
C LYS A 98 10.35 -1.34 9.97
N LEU A 99 9.07 -1.60 9.63
CA LEU A 99 8.60 -1.55 8.27
C LEU A 99 8.84 -0.14 7.68
N ASP A 100 8.58 0.92 8.44
CA ASP A 100 8.85 2.26 7.96
C ASP A 100 10.34 2.48 7.72
N GLN A 101 11.17 1.96 8.60
CA GLN A 101 12.61 2.07 8.47
C GLN A 101 13.05 1.43 7.15
N VAL A 102 12.52 0.23 6.86
CA VAL A 102 12.90 -0.53 5.67
C VAL A 102 12.40 0.18 4.40
N THR A 103 11.14 0.62 4.37
CA THR A 103 10.60 1.33 3.22
C THR A 103 11.33 2.66 2.95
N HIS A 104 11.99 3.26 3.96
CA HIS A 104 12.68 4.52 3.78
C HIS A 104 14.20 4.46 3.63
N LYS A 105 14.87 3.37 4.00
CA LYS A 105 16.32 3.35 3.95
C LYS A 105 16.81 3.26 2.52
N SER A 106 17.83 4.05 2.20
CA SER A 106 18.28 4.14 0.81
C SER A 106 18.75 2.83 0.20
N SER A 107 19.26 1.95 1.05
CA SER A 107 19.75 0.65 0.60
C SER A 107 18.65 -0.40 0.50
N GLU A 108 17.42 -0.06 0.93
CA GLU A 108 16.34 -1.04 0.91
C GLU A 108 15.15 -0.50 0.11
N GLY A 109 14.03 -0.13 0.77
CA GLY A 109 12.85 0.37 0.10
C GLY A 109 11.92 -0.73 -0.36
N PHE A 110 11.07 -0.42 -1.34
CA PHE A 110 10.14 -1.39 -1.92
C PHE A 110 10.02 -1.08 -3.41
N TYR A 111 9.56 -2.05 -4.19
CA TYR A 111 9.36 -1.87 -5.63
C TYR A 111 8.04 -2.55 -6.02
N VAL A 112 7.42 -2.09 -7.09
CA VAL A 112 6.08 -2.54 -7.47
C VAL A 112 6.10 -3.10 -8.88
N CYS A 113 5.41 -4.20 -9.14
CA CYS A 113 5.37 -4.76 -10.49
C CYS A 113 3.92 -4.92 -10.91
N PRO A 114 3.56 -4.66 -12.18
CA PRO A 114 2.20 -4.83 -12.72
C PRO A 114 1.67 -6.24 -12.86
N GLY A 115 0.37 -6.35 -12.63
CA GLY A 115 -0.32 -7.62 -12.77
C GLY A 115 -0.79 -7.83 -14.19
N SER A 116 -1.99 -8.36 -14.32
CA SER A 116 -2.63 -8.75 -15.56
C SER A 116 -2.64 -7.78 -16.75
N HIS A 117 -2.44 -6.48 -16.54
CA HIS A 117 -2.36 -5.52 -17.63
C HIS A 117 -0.97 -5.41 -18.27
N ARG A 118 0.00 -6.19 -17.75
CA ARG A 118 1.34 -6.25 -18.31
C ARG A 118 1.30 -6.89 -19.69
N PRO A 119 2.20 -6.51 -20.61
CA PRO A 119 2.43 -7.23 -21.86
C PRO A 119 3.01 -8.62 -21.64
N ARG A 120 3.60 -9.16 -22.70
CA ARG A 120 4.46 -10.34 -22.73
C ARG A 120 5.58 -10.39 -21.68
N GLU A 121 5.66 -9.49 -20.70
CA GLU A 121 6.54 -9.55 -19.54
C GLU A 121 6.04 -10.66 -18.59
N ALA A 122 4.98 -11.38 -19.00
CA ALA A 122 4.55 -12.59 -18.31
C ALA A 122 5.74 -13.54 -18.26
N LYS A 123 6.40 -13.61 -19.40
CA LYS A 123 7.44 -14.56 -19.72
C LYS A 123 8.35 -15.03 -18.56
N SER A 124 8.61 -14.16 -17.55
CA SER A 124 9.22 -14.76 -16.40
C SER A 124 8.85 -13.90 -15.21
N CYS A 125 8.07 -12.81 -15.33
CA CYS A 125 7.80 -12.02 -14.13
C CYS A 125 6.94 -12.71 -13.08
N GLY A 126 6.25 -13.77 -13.49
CA GLY A 126 5.58 -14.63 -12.54
C GLY A 126 4.18 -14.21 -12.13
N GLY A 127 3.60 -15.07 -11.31
CA GLY A 127 2.26 -14.85 -10.82
C GLY A 127 2.29 -14.16 -9.45
N PRO A 128 1.16 -14.16 -8.72
CA PRO A 128 1.01 -13.57 -7.39
C PRO A 128 1.99 -14.10 -6.35
N ASP A 129 2.46 -15.35 -6.53
CA ASP A 129 3.45 -15.97 -5.66
C ASP A 129 4.77 -15.23 -5.71
N SER A 130 5.15 -14.65 -6.86
CA SER A 130 6.34 -13.84 -6.94
C SER A 130 5.97 -12.36 -6.86
N PHE A 131 4.70 -12.04 -6.55
CA PHE A 131 4.11 -10.68 -6.50
C PHE A 131 4.35 -9.93 -7.81
N TYR A 132 4.24 -10.74 -8.87
CA TYR A 132 4.49 -10.37 -10.25
C TYR A 132 5.93 -9.82 -10.39
N CYS A 133 6.88 -10.07 -9.50
CA CYS A 133 8.25 -9.53 -9.59
C CYS A 133 9.23 -10.70 -9.42
N ALA A 134 9.22 -11.69 -10.30
CA ALA A 134 10.14 -12.82 -10.09
C ALA A 134 11.57 -12.40 -10.41
N SER A 135 11.76 -11.44 -11.32
CA SER A 135 13.07 -10.94 -11.73
C SER A 135 13.21 -9.42 -11.80
N TRP A 136 14.43 -8.84 -11.74
CA TRP A 136 14.61 -7.40 -11.93
C TRP A 136 14.26 -7.07 -13.36
N GLY A 137 13.71 -5.87 -13.55
CA GLY A 137 13.16 -5.55 -14.85
C GLY A 137 11.63 -5.63 -14.81
N CYS A 138 11.03 -6.41 -13.90
CA CYS A 138 9.56 -6.53 -13.79
C CYS A 138 8.89 -5.33 -13.12
N GLU A 139 9.67 -4.65 -12.28
CA GLU A 139 9.14 -3.55 -11.50
C GLU A 139 9.08 -2.28 -12.31
N THR A 140 7.95 -1.62 -12.14
CA THR A 140 7.74 -0.37 -12.83
C THR A 140 7.72 0.84 -11.91
N THR A 141 7.77 0.69 -10.57
CA THR A 141 7.74 1.81 -9.62
C THR A 141 8.30 1.34 -8.29
N GLY A 142 8.17 2.18 -7.27
CA GLY A 142 8.51 1.81 -5.91
C GLY A 142 9.47 2.87 -5.35
N ARG A 143 9.84 2.81 -4.10
CA ARG A 143 10.81 3.75 -3.61
C ARG A 143 12.01 2.84 -3.45
N VAL A 144 12.91 2.76 -4.43
CA VAL A 144 14.18 2.05 -4.32
C VAL A 144 15.15 2.92 -5.08
N TYR A 145 16.44 2.81 -4.80
CA TYR A 145 17.39 3.77 -5.34
C TYR A 145 17.58 3.76 -6.84
N TRP A 146 17.36 2.66 -7.55
CA TRP A 146 17.52 2.68 -9.00
C TRP A 146 16.34 3.33 -9.73
N LYS A 147 15.40 3.86 -8.97
CA LYS A 147 14.19 4.50 -9.43
C LYS A 147 13.50 3.97 -10.70
N PRO A 148 12.95 2.74 -10.60
CA PRO A 148 12.24 2.07 -11.69
C PRO A 148 11.05 2.91 -12.11
N SER A 149 10.87 3.07 -13.41
CA SER A 149 9.72 3.80 -13.92
C SER A 149 9.28 3.07 -15.18
N SER A 150 8.21 3.54 -15.81
CA SER A 150 7.69 2.96 -17.04
C SER A 150 6.92 4.05 -17.78
N SER A 151 6.84 3.92 -19.11
CA SER A 151 6.03 4.87 -19.84
C SER A 151 4.66 4.28 -20.15
N TRP A 152 4.36 3.02 -19.77
CA TRP A 152 3.06 2.47 -20.04
C TRP A 152 2.29 2.18 -18.75
N ASP A 153 2.95 1.87 -17.63
CA ASP A 153 2.18 1.46 -16.46
C ASP A 153 1.39 2.62 -15.89
N TYR A 154 0.37 2.26 -15.12
CA TYR A 154 -0.67 3.18 -14.74
C TYR A 154 -0.44 3.99 -13.49
N ILE A 155 0.52 3.65 -12.64
CA ILE A 155 0.73 4.31 -11.35
C ILE A 155 2.20 4.43 -11.02
N THR A 156 2.48 5.42 -10.17
CA THR A 156 3.73 5.47 -9.45
C THR A 156 3.39 5.21 -7.97
N VAL A 157 4.28 4.60 -7.19
CA VAL A 157 4.03 4.31 -5.76
C VAL A 157 5.28 4.76 -5.02
N ASP A 158 5.04 5.43 -3.91
CA ASP A 158 6.09 5.92 -3.02
C ASP A 158 5.53 5.87 -1.60
N ASN A 159 6.37 6.21 -0.62
CA ASN A 159 5.91 6.34 0.76
C ASN A 159 5.22 7.67 0.84
N ASN A 160 4.11 7.75 1.54
CA ASN A 160 3.44 9.03 1.67
C ASN A 160 4.03 9.94 2.74
N LEU A 161 4.61 9.36 3.78
CA LEU A 161 5.16 10.14 4.88
C LEU A 161 6.65 9.90 5.00
N THR A 162 7.39 10.84 5.56
CA THR A 162 8.80 10.61 5.87
C THR A 162 8.80 9.87 7.21
N THR A 163 9.91 9.29 7.65
CA THR A 163 9.91 8.58 8.94
C THR A 163 9.65 9.56 10.08
N SER A 164 10.22 10.76 10.04
CA SER A 164 9.98 11.70 11.13
C SER A 164 8.50 12.02 11.24
N GLN A 165 7.73 12.06 10.14
CA GLN A 165 6.31 12.27 10.23
C GLN A 165 5.65 10.96 10.66
N ALA A 166 6.15 9.79 10.30
CA ALA A 166 5.47 8.54 10.62
C ALA A 166 5.71 8.03 12.04
N VAL A 167 6.84 8.38 12.66
CA VAL A 167 7.20 7.82 13.95
C VAL A 167 6.15 7.97 15.04
N GLN A 168 5.57 9.15 15.25
CA GLN A 168 4.59 9.31 16.31
C GLN A 168 3.25 8.68 15.93
N VAL A 169 2.94 8.52 14.62
CA VAL A 169 1.72 7.86 14.17
C VAL A 169 1.87 6.39 14.56
N CYS A 170 3.04 5.76 14.33
CA CYS A 170 3.24 4.37 14.75
C CYS A 170 3.20 4.27 16.27
N LYS A 171 3.81 5.22 17.00
CA LYS A 171 3.79 5.17 18.47
C LYS A 171 2.40 5.42 19.06
N ASP A 172 1.49 6.00 18.26
CA ASP A 172 0.09 6.14 18.65
C ASP A 172 -0.74 4.90 18.33
N ASN A 173 -0.05 3.86 17.85
CA ASN A 173 -0.65 2.57 17.53
C ASN A 173 -1.72 2.71 16.45
N LYS A 174 -1.41 3.63 15.54
CA LYS A 174 -2.19 3.84 14.32
C LYS A 174 -1.47 3.20 13.14
N TRP A 175 -2.17 2.92 12.03
CA TRP A 175 -1.50 2.49 10.79
C TRP A 175 -0.56 3.64 10.45
N CYS A 176 0.71 3.37 10.15
CA CYS A 176 1.70 4.41 9.97
C CYS A 176 2.65 4.14 8.83
N ASN A 177 2.26 3.26 7.90
CA ASN A 177 3.09 2.98 6.72
C ASN A 177 2.31 3.34 5.44
N PRO A 178 1.90 4.60 5.19
CA PRO A 178 1.05 4.94 4.06
C PRO A 178 1.81 5.02 2.72
N LEU A 179 1.19 4.56 1.65
CA LEU A 179 1.73 4.67 0.32
C LEU A 179 1.15 5.93 -0.31
N ALA A 180 1.85 6.53 -1.27
CA ALA A 180 1.32 7.63 -2.05
C ALA A 180 1.32 7.05 -3.46
N ILE A 181 0.11 6.81 -4.00
CA ILE A 181 -0.06 6.18 -5.31
C ILE A 181 -0.59 7.25 -6.24
N GLN A 182 0.23 7.62 -7.23
CA GLN A 182 -0.20 8.60 -8.20
C GLN A 182 -0.53 7.98 -9.53
N PHE A 183 -1.56 8.49 -10.19
CA PHE A 183 -1.92 8.05 -11.52
C PHE A 183 -0.92 8.67 -12.50
N THR A 184 -0.36 7.88 -13.42
CA THR A 184 0.51 8.38 -14.48
C THR A 184 -0.38 8.86 -15.62
N ASN A 185 0.17 9.53 -16.63
CA ASN A 185 -0.60 9.97 -17.79
C ASN A 185 -1.13 8.80 -18.57
N ALA A 186 -0.39 7.68 -18.65
CA ALA A 186 -0.87 6.51 -19.36
C ALA A 186 -2.05 5.92 -18.57
N GLY A 187 -1.92 5.88 -17.24
CA GLY A 187 -2.99 5.42 -16.37
C GLY A 187 -4.26 6.28 -16.50
N LYS A 188 -4.11 7.60 -16.69
CA LYS A 188 -5.25 8.50 -16.86
C LYS A 188 -5.99 8.31 -18.19
N GLN A 189 -5.30 7.60 -19.08
CA GLN A 189 -5.85 7.26 -20.37
C GLN A 189 -6.55 5.92 -20.29
N VAL A 190 -6.44 5.05 -19.29
CA VAL A 190 -7.23 3.82 -19.45
C VAL A 190 -8.57 4.06 -18.80
N THR A 191 -9.49 3.33 -19.38
CA THR A 191 -10.87 3.44 -19.02
C THR A 191 -11.29 2.13 -18.40
N SER A 192 -10.47 1.10 -18.24
CA SER A 192 -10.90 -0.19 -17.67
C SER A 192 -10.92 -0.14 -16.14
N TRP A 193 -10.76 1.03 -15.52
CA TRP A 193 -10.63 1.09 -14.07
C TRP A 193 -11.77 0.49 -13.27
N THR A 194 -12.98 0.33 -13.83
CA THR A 194 -14.09 -0.28 -13.14
C THR A 194 -13.89 -1.79 -12.95
N THR A 195 -13.16 -2.47 -13.87
CA THR A 195 -12.86 -3.87 -13.58
C THR A 195 -11.67 -3.89 -12.61
N GLY A 196 -10.76 -2.92 -12.70
CA GLY A 196 -9.70 -2.78 -11.72
C GLY A 196 -8.36 -3.38 -12.14
N HIS A 197 -7.25 -2.81 -11.70
CA HIS A 197 -5.97 -3.39 -12.07
C HIS A 197 -5.18 -3.81 -10.84
N TYR A 198 -4.27 -4.77 -10.95
CA TYR A 198 -3.53 -5.29 -9.81
C TYR A 198 -2.04 -5.15 -10.01
N TRP A 199 -1.34 -5.09 -8.89
CA TRP A 199 0.11 -4.95 -8.80
C TRP A 199 0.57 -5.78 -7.61
N GLY A 200 1.86 -6.05 -7.61
CA GLY A 200 2.56 -6.70 -6.53
C GLY A 200 3.51 -5.65 -5.95
N LEU A 201 3.79 -5.73 -4.65
CA LEU A 201 4.74 -4.83 -4.00
C LEU A 201 5.61 -5.76 -3.16
N ARG A 202 6.90 -5.45 -3.12
CA ARG A 202 7.87 -6.22 -2.38
C ARG A 202 8.87 -5.28 -1.74
N LEU A 203 9.21 -5.55 -0.49
CA LEU A 203 10.27 -4.82 0.19
C LEU A 203 11.62 -5.25 -0.38
N TYR A 204 12.63 -4.40 -0.46
CA TYR A 204 13.93 -4.84 -0.92
C TYR A 204 14.77 -4.99 0.36
N VAL A 205 14.72 -6.17 0.98
CA VAL A 205 15.38 -6.49 2.25
C VAL A 205 15.76 -7.96 2.36
N SER A 206 16.93 -8.20 2.94
CA SER A 206 17.45 -9.50 3.40
C SER A 206 17.52 -10.64 2.41
N GLY A 207 17.61 -10.32 1.11
CA GLY A 207 17.58 -11.36 0.07
C GLY A 207 16.27 -12.15 0.08
N ARG A 208 15.21 -11.64 0.74
CA ARG A 208 13.94 -12.35 0.85
C ARG A 208 12.82 -11.65 0.13
N ASP A 209 12.90 -10.32 0.24
CA ASP A 209 11.95 -9.39 -0.34
C ASP A 209 10.48 -9.73 -0.13
N PRO A 210 9.98 -9.69 1.12
CA PRO A 210 8.59 -10.04 1.39
C PRO A 210 7.63 -9.16 0.59
N GLY A 211 6.58 -9.76 0.05
CA GLY A 211 5.65 -9.01 -0.77
C GLY A 211 4.18 -9.30 -0.47
N LEU A 212 3.34 -8.72 -1.30
CA LEU A 212 1.90 -8.86 -1.29
C LEU A 212 1.42 -8.30 -2.63
N THR A 213 0.13 -8.46 -2.92
CA THR A 213 -0.45 -7.85 -4.11
C THR A 213 -1.61 -6.97 -3.66
N PHE A 214 -2.02 -6.05 -4.50
CA PHE A 214 -3.09 -5.09 -4.17
C PHE A 214 -3.75 -4.70 -5.49
N GLY A 215 -4.92 -4.06 -5.38
CA GLY A 215 -5.56 -3.61 -6.60
C GLY A 215 -6.09 -2.20 -6.46
N ILE A 216 -6.41 -1.59 -7.59
CA ILE A 216 -7.01 -0.26 -7.67
C ILE A 216 -8.20 -0.40 -8.62
N ARG A 217 -9.37 0.07 -8.22
CA ARG A 217 -10.55 0.01 -9.04
C ARG A 217 -11.42 1.24 -8.83
N LEU A 218 -12.24 1.56 -9.82
CA LEU A 218 -13.11 2.73 -9.83
C LEU A 218 -14.56 2.32 -9.63
N ARG A 219 -15.34 3.10 -8.90
CA ARG A 219 -16.77 2.95 -8.80
C ARG A 219 -17.36 4.36 -8.94
N TYR A 220 -18.54 4.54 -9.52
CA TYR A 220 -19.17 5.86 -9.60
C TYR A 220 -20.68 5.69 -9.48
N GLN A 221 -21.34 6.65 -8.86
CA GLN A 221 -22.78 6.63 -8.79
C GLN A 221 -23.31 8.02 -9.03
N ASN A 222 -24.52 8.04 -9.58
CA ASN A 222 -25.21 9.28 -9.87
C ASN A 222 -25.47 10.11 -8.63
N LEU A 223 -25.67 11.38 -8.89
CA LEU A 223 -25.89 12.38 -7.86
C LEU A 223 -27.01 13.24 -8.40
N GLY A 224 -27.92 13.76 -7.60
CA GLY A 224 -28.92 14.68 -8.08
C GLY A 224 -30.03 14.04 -8.90
N PRO A 225 -30.60 14.67 -9.92
CA PRO A 225 -31.80 14.22 -10.62
C PRO A 225 -31.76 12.82 -11.21
N ARG A 226 -30.56 12.29 -11.46
CA ARG A 226 -30.49 10.97 -12.03
C ARG A 226 -30.65 9.88 -10.98
N VAL A 227 -30.57 10.24 -9.69
CA VAL A 227 -30.86 9.31 -8.62
C VAL A 227 -32.39 9.19 -8.57
N PRO A 228 -32.97 8.01 -8.78
CA PRO A 228 -34.43 7.83 -8.76
C PRO A 228 -35.15 8.12 -7.43
C1 NAG B . -0.15 11.77 2.95
C2 NAG B . -0.95 11.91 4.26
C3 NAG B . -1.73 13.21 4.26
C4 NAG B . -0.81 14.40 3.96
C5 NAG B . -0.01 14.14 2.68
C6 NAG B . 1.01 15.21 2.41
C7 NAG B . -1.52 9.67 5.05
C8 NAG B . -2.57 8.60 5.18
N2 NAG B . -1.85 10.78 4.39
O3 NAG B . -2.33 13.39 5.51
O4 NAG B . -1.58 15.59 3.80
O5 NAG B . 0.70 12.91 2.81
O6 NAG B . 1.97 15.25 3.46
O7 NAG B . -0.41 9.54 5.53
C1 NAG C . -21.34 9.44 -2.35
C2 NAG C . -20.93 8.97 -0.92
C3 NAG C . -21.89 9.57 0.14
C4 NAG C . -21.97 11.03 -0.02
C5 NAG C . -22.47 11.34 -1.43
C6 NAG C . -22.58 12.85 -1.68
C7 NAG C . -20.07 6.68 -1.21
C8 NAG C . -20.23 5.21 -0.91
N2 NAG C . -21.00 7.53 -0.79
O3 NAG C . -21.41 9.24 1.42
O4 NAG C . -22.86 11.55 0.98
O5 NAG C . -21.50 10.84 -2.42
O6 NAG C . -21.33 13.44 -1.76
O7 NAG C . -19.13 7.06 -1.88
ZN ZN D . 11.58 -6.08 24.46
ZN ZN E . 8.56 -5.38 26.46
ZN ZN F . 8.68 -13.15 6.13
#